data_4F0T
#
_entry.id   4F0T
#
_cell.length_a   153.020
_cell.length_b   153.020
_cell.length_c   40.060
_cell.angle_alpha   90.00
_cell.angle_beta   90.00
_cell.angle_gamma   120.00
#
_symmetry.space_group_name_H-M   'P 63'
#
loop_
_entity.id
_entity.type
_entity.pdbx_description
1 polymer 'C-phycocyanin alpha chain'
2 polymer 'C-phycocyanin beta chain'
3 non-polymer PHYCOCYANOBILIN
4 water water
#
loop_
_entity_poly.entity_id
_entity_poly.type
_entity_poly.pdbx_seq_one_letter_code
_entity_poly.pdbx_strand_id
1 'polypeptide(L)'
;MKTPLTEAVSTADSQGRFLSSTELQIAFGRLRQANAGLQAAKALTDNAQSLVNGAAQAVYNKFPYTTQTQGNNFAADQRG
KDKCARDIGYYLRIVTYCLVAGGTGPLDEYLIAGIDEINRTFDLSPSWYVEALKYIKANHGLSGDARDEANSYLDYAINA
LS
;
A
2 'polypeptide(L)'
;MFDVFTRVVSQADARGEYLSGSQLDALSATVAEGNKRIDSVNRITGNASAIVSNAARALFAEQPQLIQPGG(MEN)AYTS
RRMAACLRDMEIILRYVTYATFTGDASVLEDRCLNGLRETYVALGVPGASVAAGVQKMKEAALDIVNDPNGITRGDCSAI
VAEIAGYFDRAAAAVA
;
B
#
# COMPACT_ATOMS: atom_id res chain seq x y z
N MET A 1 1.64 -3.84 -5.31
CA MET A 1 2.87 -3.01 -5.30
C MET A 1 3.57 -3.10 -3.95
N LYS A 2 4.85 -3.41 -3.97
CA LYS A 2 5.61 -3.53 -2.75
C LYS A 2 5.97 -2.16 -2.19
N THR A 3 5.74 -2.00 -0.89
CA THR A 3 6.09 -0.79 -0.17
C THR A 3 6.60 -1.36 1.16
N PRO A 4 7.33 -0.56 1.94
CA PRO A 4 7.83 -1.09 3.21
C PRO A 4 6.69 -1.64 4.09
N LEU A 5 5.50 -1.05 3.95
CA LEU A 5 4.34 -1.47 4.75
C LEU A 5 3.72 -2.80 4.31
N THR A 6 3.53 -2.98 3.01
CA THR A 6 2.94 -4.22 2.50
C THR A 6 3.88 -5.41 2.68
N GLU A 7 5.22 -5.21 2.43
CA GLU A 7 6.21 -6.25 2.73
C GLU A 7 6.16 -6.64 4.20
N ALA A 8 6.02 -5.81 5.13
CA ALA A 8 5.99 -6.19 6.53
C ALA A 8 4.74 -7.05 6.79
N VAL A 9 3.61 -6.63 6.22
CA VAL A 9 2.38 -7.39 6.40
C VAL A 9 2.49 -8.77 5.73
N SER A 10 3.04 -8.80 4.52
CA SER A 10 3.21 -10.06 3.79
C SER A 10 4.04 -11.04 4.60
N THR A 11 5.11 -10.54 5.21
CA THR A 11 6.01 -11.35 6.03
C THR A 11 5.28 -11.96 7.23
N ALA A 12 4.56 -11.11 7.98
CA ALA A 12 3.83 -11.58 9.14
C ALA A 12 2.73 -12.56 8.74
N ASP A 13 2.03 -12.25 7.65
CA ASP A 13 0.96 -13.12 7.17
C ASP A 13 1.51 -14.47 6.72
N SER A 14 2.63 -14.46 5.99
CA SER A 14 3.22 -15.71 5.52
C SER A 14 3.61 -16.58 6.72
N GLN A 15 3.69 -15.95 7.89
CA GLN A 15 4.04 -16.67 9.11
C GLN A 15 2.84 -16.84 10.06
N GLY A 16 1.65 -16.45 9.58
CA GLY A 16 0.44 -16.57 10.38
C GLY A 16 0.48 -15.87 11.73
N ARG A 17 1.23 -14.77 11.82
CA ARG A 17 1.36 -14.05 13.08
C ARG A 17 1.07 -12.56 13.00
N PHE A 18 0.87 -11.95 14.17
CA PHE A 18 0.63 -10.52 14.28
C PHE A 18 1.97 -9.82 14.01
N LEU A 19 1.91 -8.56 13.62
CA LEU A 19 3.11 -7.78 13.34
C LEU A 19 3.96 -7.65 14.62
N SER A 20 5.28 -7.57 14.44
CA SER A 20 6.22 -7.45 15.55
C SER A 20 6.81 -6.04 15.67
N SER A 21 7.53 -5.81 16.78
CA SER A 21 8.17 -4.53 17.03
C SER A 21 9.06 -4.13 15.86
N THR A 22 9.78 -5.10 15.33
CA THR A 22 10.66 -4.85 14.20
C THR A 22 9.85 -4.29 13.04
N GLU A 23 8.67 -4.85 12.82
CA GLU A 23 7.80 -4.39 11.74
C GLU A 23 7.25 -2.99 12.01
N LEU A 24 6.95 -2.72 13.29
CA LEU A 24 6.48 -1.40 13.69
C LEU A 24 7.58 -0.38 13.50
N GLN A 25 8.81 -0.79 13.78
CA GLN A 25 9.97 0.08 13.59
C GLN A 25 10.15 0.37 12.11
N ILE A 26 9.89 -0.62 11.27
CA ILE A 26 9.98 -0.47 9.84
C ILE A 26 9.03 0.64 9.38
N ALA A 27 7.83 0.65 9.94
CA ALA A 27 6.84 1.68 9.64
C ALA A 27 7.41 3.06 10.04
N PHE A 28 8.02 3.14 11.23
CA PHE A 28 8.60 4.41 11.67
C PHE A 28 9.64 4.91 10.68
N GLY A 29 10.49 4.01 10.19
CA GLY A 29 11.51 4.41 9.24
C GLY A 29 10.88 4.94 7.97
N ARG A 30 9.83 4.27 7.51
CA ARG A 30 9.12 4.69 6.31
C ARG A 30 8.52 6.08 6.51
N LEU A 31 7.90 6.31 7.66
CA LEU A 31 7.25 7.58 7.95
C LEU A 31 8.24 8.74 8.00
N ARG A 32 9.44 8.47 8.50
CA ARG A 32 10.47 9.50 8.65
C ARG A 32 11.00 9.98 7.29
N GLN A 33 10.93 9.11 6.30
CA GLN A 33 11.44 9.44 4.96
C GLN A 33 10.33 9.91 4.00
N ALA A 34 9.09 9.66 4.37
CA ALA A 34 7.93 10.01 3.55
C ALA A 34 7.91 11.43 2.98
N ASN A 35 8.02 12.43 3.84
CA ASN A 35 7.97 13.82 3.38
C ASN A 35 9.03 14.18 2.36
N ALA A 36 10.25 13.71 2.53
CA ALA A 36 11.30 13.99 1.57
C ALA A 36 10.84 13.45 0.21
N GLY A 37 10.18 12.29 0.25
CA GLY A 37 9.69 11.67 -0.97
C GLY A 37 8.55 12.43 -1.60
N LEU A 38 7.61 12.92 -0.78
CA LEU A 38 6.49 13.68 -1.31
C LEU A 38 6.97 15.01 -1.89
N GLN A 39 7.96 15.62 -1.26
CA GLN A 39 8.50 16.89 -1.72
C GLN A 39 9.26 16.72 -3.03
N ALA A 40 9.98 15.62 -3.16
CA ALA A 40 10.71 15.35 -4.39
C ALA A 40 9.69 15.12 -5.52
N ALA A 41 8.61 14.41 -5.19
CA ALA A 41 7.57 14.12 -6.17
C ALA A 41 6.94 15.40 -6.70
N LYS A 42 6.71 16.35 -5.78
CA LYS A 42 6.12 17.63 -6.16
C LYS A 42 7.03 18.39 -7.10
N ALA A 43 8.32 18.44 -6.76
CA ALA A 43 9.30 19.15 -7.57
C ALA A 43 9.36 18.60 -8.98
N LEU A 44 9.52 17.28 -9.10
CA LEU A 44 9.59 16.65 -10.42
C LEU A 44 8.30 16.89 -11.19
N THR A 45 7.16 16.81 -10.48
CA THR A 45 5.86 17.03 -11.10
C THR A 45 5.74 18.42 -11.72
N ASP A 46 6.15 19.44 -10.98
CA ASP A 46 6.05 20.81 -11.48
C ASP A 46 6.98 21.07 -12.66
N ASN A 47 7.89 20.15 -12.95
CA ASN A 47 8.82 20.30 -14.07
C ASN A 47 8.73 19.16 -15.07
N ALA A 48 7.62 18.44 -15.06
CA ALA A 48 7.41 17.31 -15.96
C ALA A 48 7.72 17.64 -17.42
N GLN A 49 7.05 18.65 -17.97
CA GLN A 49 7.27 19.04 -19.36
C GLN A 49 8.73 19.32 -19.66
N SER A 50 9.33 20.24 -18.91
CA SER A 50 10.72 20.58 -19.13
C SER A 50 11.62 19.35 -19.07
N LEU A 51 11.43 18.52 -18.05
CA LEU A 51 12.24 17.31 -17.90
C LEU A 51 12.02 16.30 -19.02
N VAL A 52 10.76 16.12 -19.43
CA VAL A 52 10.46 15.16 -20.49
C VAL A 52 11.05 15.60 -21.84
N ASN A 53 10.71 16.80 -22.28
CA ASN A 53 11.22 17.32 -23.54
C ASN A 53 12.75 17.34 -23.53
N GLY A 54 13.31 17.83 -22.43
CA GLY A 54 14.75 17.90 -22.30
C GLY A 54 15.43 16.55 -22.39
N ALA A 55 14.75 15.51 -21.92
CA ALA A 55 15.31 14.16 -21.96
C ALA A 55 15.17 13.57 -23.36
N ALA A 56 14.06 13.90 -24.03
CA ALA A 56 13.81 13.41 -25.37
C ALA A 56 14.93 13.86 -26.30
N GLN A 57 15.20 15.16 -26.28
CA GLN A 57 16.25 15.73 -27.12
C GLN A 57 17.59 15.09 -26.78
N ALA A 58 17.84 14.87 -25.50
CA ALA A 58 19.08 14.25 -25.05
C ALA A 58 19.30 12.89 -25.74
N VAL A 59 18.23 12.11 -25.83
CA VAL A 59 18.32 10.79 -26.46
C VAL A 59 18.60 10.93 -27.95
N TYR A 60 17.90 11.85 -28.60
CA TYR A 60 18.10 12.07 -30.03
C TYR A 60 19.53 12.56 -30.28
N ASN A 61 20.04 13.39 -29.37
CA ASN A 61 21.39 13.92 -29.51
C ASN A 61 22.47 12.85 -29.43
N LYS A 62 22.28 11.85 -28.58
CA LYS A 62 23.27 10.78 -28.45
C LYS A 62 23.00 9.64 -29.43
N PHE A 63 21.78 9.59 -29.94
CA PHE A 63 21.37 8.56 -30.89
C PHE A 63 20.63 9.26 -32.05
N PRO A 64 21.35 10.09 -32.81
CA PRO A 64 20.80 10.84 -33.94
C PRO A 64 20.11 10.00 -35.01
N TYR A 65 20.58 8.77 -35.21
CA TYR A 65 19.99 7.90 -36.21
C TYR A 65 18.51 7.62 -35.94
N THR A 66 18.12 7.68 -34.66
CA THR A 66 16.74 7.43 -34.29
C THR A 66 15.81 8.47 -34.91
N THR A 67 16.38 9.58 -35.36
CA THR A 67 15.62 10.64 -36.00
C THR A 67 15.96 10.72 -37.49
N GLN A 68 16.89 9.86 -37.92
CA GLN A 68 17.26 9.81 -39.35
C GLN A 68 16.94 8.65 -40.18
N THR A 69 16.99 7.42 -39.68
CA THR A 69 16.46 6.21 -40.31
C THR A 69 15.00 6.07 -40.15
N GLN A 70 14.41 5.44 -41.15
CA GLN A 70 12.98 5.20 -41.19
C GLN A 70 12.67 3.91 -40.44
N GLY A 71 11.56 3.89 -39.71
CA GLY A 71 11.18 2.71 -38.96
C GLY A 71 10.21 2.97 -37.83
N ASN A 72 9.28 2.05 -37.62
CA ASN A 72 8.29 2.19 -36.56
C ASN A 72 8.90 2.39 -35.18
N ASN A 73 10.04 1.75 -34.94
CA ASN A 73 10.72 1.86 -33.65
C ASN A 73 11.61 3.09 -33.55
N PHE A 74 11.57 3.96 -34.54
CA PHE A 74 12.40 5.14 -34.52
C PHE A 74 11.52 6.35 -34.60
N ALA A 75 12.11 7.50 -34.25
CA ALA A 75 11.37 8.75 -34.13
C ALA A 75 11.76 9.73 -35.23
N ALA A 76 11.96 9.17 -36.41
CA ALA A 76 12.34 9.89 -37.62
C ALA A 76 11.21 10.80 -38.05
N ASP A 77 9.99 10.45 -37.65
CA ASP A 77 8.80 11.23 -37.97
C ASP A 77 8.18 11.82 -36.71
N GLN A 78 7.10 12.58 -36.88
CA GLN A 78 6.41 13.20 -35.76
C GLN A 78 5.83 12.15 -34.81
N ARG A 79 5.10 11.20 -35.39
CA ARG A 79 4.48 10.12 -34.64
C ARG A 79 5.46 9.43 -33.67
N GLY A 80 6.58 8.97 -34.20
CA GLY A 80 7.57 8.30 -33.38
C GLY A 80 8.09 9.17 -32.25
N LYS A 81 8.17 10.48 -32.50
CA LYS A 81 8.64 11.42 -31.49
C LYS A 81 7.62 11.58 -30.38
N ASP A 82 6.34 11.36 -30.70
CA ASP A 82 5.29 11.45 -29.70
C ASP A 82 5.36 10.17 -28.87
N LYS A 83 5.53 9.04 -29.54
CA LYS A 83 5.65 7.77 -28.86
C LYS A 83 6.77 7.89 -27.85
N CYS A 84 7.93 8.35 -28.34
CA CYS A 84 9.11 8.49 -27.51
C CYS A 84 8.88 9.43 -26.32
N ALA A 85 8.28 10.58 -26.58
CA ALA A 85 7.98 11.55 -25.53
C ALA A 85 7.07 10.88 -24.50
N ARG A 86 6.00 10.27 -25.00
CA ARG A 86 5.04 9.58 -24.14
C ARG A 86 5.75 8.58 -23.24
N ASP A 87 6.62 7.76 -23.82
CA ASP A 87 7.37 6.76 -23.07
C ASP A 87 8.19 7.40 -21.96
N ILE A 88 8.89 8.48 -22.28
CA ILE A 88 9.70 9.18 -21.30
C ILE A 88 8.77 9.73 -20.21
N GLY A 89 7.60 10.21 -20.62
CA GLY A 89 6.64 10.73 -19.67
C GLY A 89 6.17 9.65 -18.68
N TYR A 90 6.07 8.41 -19.15
CA TYR A 90 5.64 7.30 -18.29
C TYR A 90 6.69 7.02 -17.23
N TYR A 91 7.95 7.00 -17.65
CA TYR A 91 9.05 6.75 -16.73
C TYR A 91 9.04 7.78 -15.60
N LEU A 92 8.96 9.06 -15.96
CA LEU A 92 8.95 10.13 -14.96
C LEU A 92 7.77 10.03 -14.01
N ARG A 93 6.57 9.94 -14.56
CA ARG A 93 5.37 9.85 -13.75
C ARG A 93 5.43 8.69 -12.77
N ILE A 94 5.82 7.51 -13.26
CA ILE A 94 5.89 6.34 -12.40
C ILE A 94 7.00 6.46 -11.33
N VAL A 95 8.02 7.26 -11.61
CA VAL A 95 9.08 7.45 -10.62
C VAL A 95 8.54 8.30 -9.47
N THR A 96 7.63 9.23 -9.76
CA THR A 96 7.08 10.06 -8.71
C THR A 96 6.17 9.17 -7.85
N TYR A 97 5.59 8.14 -8.46
CA TYR A 97 4.72 7.22 -7.72
C TYR A 97 5.57 6.44 -6.70
N CYS A 98 6.80 6.08 -7.09
CA CYS A 98 7.69 5.36 -6.19
C CYS A 98 8.05 6.24 -5.01
N LEU A 99 8.29 7.52 -5.28
CA LEU A 99 8.63 8.49 -4.25
C LEU A 99 7.46 8.65 -3.28
N VAL A 100 6.24 8.55 -3.80
CA VAL A 100 5.05 8.66 -2.96
C VAL A 100 4.83 7.38 -2.17
N ALA A 101 5.10 6.24 -2.80
CA ALA A 101 4.90 4.93 -2.14
C ALA A 101 6.04 4.52 -1.22
N GLY A 102 7.16 5.25 -1.28
CA GLY A 102 8.29 4.91 -0.43
C GLY A 102 8.94 3.59 -0.81
N GLY A 103 8.69 3.12 -2.04
CA GLY A 103 9.26 1.87 -2.50
C GLY A 103 9.24 1.75 -4.01
N THR A 104 9.89 0.69 -4.52
CA THR A 104 9.97 0.47 -5.96
C THR A 104 8.69 -0.15 -6.54
N GLY A 105 7.75 -0.48 -5.67
CA GLY A 105 6.50 -1.08 -6.11
C GLY A 105 5.93 -0.58 -7.43
N PRO A 106 5.65 0.73 -7.56
CA PRO A 106 5.10 1.25 -8.81
C PRO A 106 5.94 0.94 -10.06
N LEU A 107 7.25 1.06 -9.95
CA LEU A 107 8.13 0.78 -11.09
C LEU A 107 8.11 -0.69 -11.46
N ASP A 108 8.13 -1.56 -10.45
CA ASP A 108 8.12 -3.00 -10.67
C ASP A 108 6.84 -3.51 -11.34
N GLU A 109 5.70 -3.02 -10.90
CA GLU A 109 4.43 -3.49 -11.44
C GLU A 109 3.94 -2.77 -12.69
N TYR A 110 4.22 -1.48 -12.81
CA TYR A 110 3.74 -0.74 -13.96
C TYR A 110 4.66 -0.68 -15.18
N LEU A 111 5.97 -0.75 -14.96
CA LEU A 111 6.92 -0.62 -16.06
C LEU A 111 8.01 -1.66 -16.22
N ILE A 112 8.57 -2.13 -15.10
CA ILE A 112 9.65 -3.11 -15.17
C ILE A 112 9.24 -4.53 -15.59
N ALA A 113 8.24 -5.09 -14.92
CA ALA A 113 7.78 -6.43 -15.25
C ALA A 113 7.34 -6.55 -16.72
N GLY A 114 8.11 -7.27 -17.51
CA GLY A 114 7.78 -7.45 -18.91
C GLY A 114 8.41 -6.45 -19.87
N ILE A 115 9.22 -5.54 -19.35
CA ILE A 115 9.86 -4.54 -20.20
C ILE A 115 10.79 -5.14 -21.25
N ASP A 116 11.41 -6.28 -20.94
CA ASP A 116 12.31 -6.93 -21.88
C ASP A 116 11.54 -7.45 -23.08
N GLU A 117 10.36 -8.00 -22.83
CA GLU A 117 9.54 -8.53 -23.91
C GLU A 117 9.01 -7.39 -24.77
N ILE A 118 8.65 -6.28 -24.13
CA ILE A 118 8.16 -5.11 -24.84
C ILE A 118 9.22 -4.55 -25.80
N ASN A 119 10.43 -4.35 -25.28
CA ASN A 119 11.52 -3.81 -26.08
C ASN A 119 11.95 -4.75 -27.20
N ARG A 120 11.89 -6.05 -26.94
CA ARG A 120 12.28 -7.04 -27.93
C ARG A 120 11.24 -7.19 -29.02
N THR A 121 9.97 -7.00 -28.67
CA THR A 121 8.88 -7.13 -29.62
C THR A 121 8.73 -5.93 -30.55
N PHE A 122 8.89 -4.73 -30.00
CA PHE A 122 8.76 -3.51 -30.79
C PHE A 122 10.10 -2.91 -31.19
N ASP A 123 11.16 -3.67 -30.97
CA ASP A 123 12.52 -3.28 -31.32
C ASP A 123 12.94 -1.93 -30.75
N LEU A 124 12.77 -1.75 -29.44
CA LEU A 124 13.17 -0.51 -28.80
C LEU A 124 14.45 -0.80 -28.03
N SER A 125 15.38 0.14 -28.02
CA SER A 125 16.64 -0.06 -27.32
C SER A 125 16.61 0.46 -25.89
N PRO A 126 16.91 -0.41 -24.91
CA PRO A 126 16.90 0.01 -23.52
C PRO A 126 17.92 1.12 -23.23
N SER A 127 18.90 1.28 -24.11
CA SER A 127 19.92 2.30 -23.95
C SER A 127 19.34 3.69 -24.23
N TRP A 128 18.29 3.76 -25.04
CA TRP A 128 17.68 5.05 -25.33
C TRP A 128 17.11 5.61 -24.02
N TYR A 129 16.36 4.76 -23.33
CA TYR A 129 15.73 5.13 -22.07
C TYR A 129 16.75 5.39 -20.97
N VAL A 130 17.80 4.56 -20.91
CA VAL A 130 18.85 4.75 -19.91
C VAL A 130 19.38 6.17 -20.04
N GLU A 131 19.46 6.64 -21.29
CA GLU A 131 19.96 7.98 -21.58
C GLU A 131 19.00 9.03 -21.04
N ALA A 132 17.71 8.87 -21.32
CA ALA A 132 16.70 9.82 -20.86
C ALA A 132 16.69 9.91 -19.33
N LEU A 133 16.88 8.78 -18.66
CA LEU A 133 16.90 8.74 -17.20
C LEU A 133 18.07 9.53 -16.63
N LYS A 134 19.26 9.36 -17.22
CA LYS A 134 20.45 10.06 -16.77
C LYS A 134 20.22 11.56 -16.88
N TYR A 135 19.55 11.98 -17.96
CA TYR A 135 19.26 13.39 -18.16
C TYR A 135 18.46 13.91 -16.98
N ILE A 136 17.40 13.20 -16.64
CA ILE A 136 16.54 13.58 -15.53
C ILE A 136 17.36 13.74 -14.26
N LYS A 137 18.20 12.76 -13.97
CA LYS A 137 19.01 12.79 -12.77
C LYS A 137 19.92 14.01 -12.67
N ALA A 138 20.27 14.59 -13.82
CA ALA A 138 21.16 15.74 -13.83
C ALA A 138 20.45 17.07 -14.10
N ASN A 139 19.12 17.05 -14.15
CA ASN A 139 18.37 18.28 -14.42
C ASN A 139 17.15 18.53 -13.54
N HIS A 140 16.90 17.66 -12.56
CA HIS A 140 15.75 17.87 -11.70
C HIS A 140 16.01 18.97 -10.68
N GLY A 141 17.30 19.29 -10.48
CA GLY A 141 17.68 20.34 -9.56
C GLY A 141 17.38 20.10 -8.10
N LEU A 142 17.10 18.86 -7.72
CA LEU A 142 16.81 18.55 -6.33
C LEU A 142 18.10 18.58 -5.52
N SER A 143 17.99 18.43 -4.20
CA SER A 143 19.14 18.43 -3.31
C SER A 143 18.75 17.80 -1.98
N GLY A 144 19.75 17.41 -1.20
CA GLY A 144 19.48 16.81 0.10
C GLY A 144 18.77 15.48 -0.02
N ASP A 145 17.96 15.15 0.97
CA ASP A 145 17.24 13.88 0.95
C ASP A 145 16.34 13.72 -0.27
N ALA A 146 15.63 14.79 -0.62
CA ALA A 146 14.74 14.76 -1.78
C ALA A 146 15.53 14.31 -3.02
N ARG A 147 16.78 14.74 -3.09
CA ARG A 147 17.62 14.38 -4.22
C ARG A 147 18.03 12.92 -4.13
N ASP A 148 18.46 12.50 -2.95
CA ASP A 148 18.88 11.11 -2.73
C ASP A 148 17.71 10.17 -2.98
N GLU A 149 16.51 10.60 -2.62
CA GLU A 149 15.32 9.78 -2.81
C GLU A 149 15.07 9.58 -4.30
N ALA A 150 14.93 10.68 -5.02
CA ALA A 150 14.68 10.65 -6.46
C ALA A 150 15.70 9.80 -7.20
N ASN A 151 16.98 10.05 -6.97
CA ASN A 151 18.03 9.32 -7.65
C ASN A 151 18.08 7.84 -7.32
N SER A 152 17.62 7.45 -6.14
CA SER A 152 17.64 6.04 -5.78
C SER A 152 16.72 5.27 -6.72
N TYR A 153 15.59 5.88 -7.08
CA TYR A 153 14.63 5.25 -7.98
C TYR A 153 15.04 5.41 -9.44
N LEU A 154 15.73 6.50 -9.75
CA LEU A 154 16.19 6.72 -11.12
C LEU A 154 17.29 5.74 -11.46
N ASP A 155 18.15 5.44 -10.49
CA ASP A 155 19.23 4.49 -10.70
C ASP A 155 18.67 3.07 -10.80
N TYR A 156 17.65 2.80 -9.99
CA TYR A 156 17.00 1.49 -9.97
C TYR A 156 16.50 1.16 -11.36
N ALA A 157 15.83 2.13 -11.98
CA ALA A 157 15.30 1.96 -13.33
C ALA A 157 16.43 1.73 -14.32
N ILE A 158 17.48 2.53 -14.21
CA ILE A 158 18.63 2.42 -15.09
C ILE A 158 19.20 1.01 -15.08
N ASN A 159 19.49 0.51 -13.88
CA ASN A 159 20.04 -0.84 -13.72
C ASN A 159 19.12 -1.90 -14.31
N ALA A 160 17.81 -1.63 -14.27
CA ALA A 160 16.82 -2.55 -14.81
C ALA A 160 16.86 -2.58 -16.33
N LEU A 161 17.37 -1.50 -16.93
CA LEU A 161 17.47 -1.40 -18.38
C LEU A 161 18.78 -1.90 -18.96
N SER A 162 19.81 -2.00 -18.14
CA SER A 162 21.12 -2.47 -18.61
C SER A 162 21.34 -3.95 -18.30
N MET B 1 -1.96 -6.28 -2.24
CA MET B 1 -2.71 -5.31 -1.39
C MET B 1 -2.22 -3.89 -1.66
N PHE B 2 -3.02 -2.91 -1.27
CA PHE B 2 -2.64 -1.51 -1.41
C PHE B 2 -2.41 -1.00 0.01
N ASP B 3 -1.64 0.08 0.17
CA ASP B 3 -1.52 0.68 1.49
C ASP B 3 -2.09 2.06 1.22
N VAL B 4 -2.20 2.92 2.24
CA VAL B 4 -2.80 4.23 2.01
C VAL B 4 -2.16 5.03 0.87
N PHE B 5 -0.88 4.83 0.64
CA PHE B 5 -0.17 5.55 -0.41
C PHE B 5 -0.43 4.99 -1.81
N THR B 6 -0.30 3.68 -1.98
CA THR B 6 -0.49 3.07 -3.30
C THR B 6 -1.96 3.08 -3.77
N ARG B 7 -2.89 3.22 -2.83
CA ARG B 7 -4.29 3.30 -3.19
C ARG B 7 -4.46 4.55 -4.06
N VAL B 8 -3.88 5.65 -3.60
CA VAL B 8 -3.95 6.91 -4.33
C VAL B 8 -3.22 6.78 -5.67
N VAL B 9 -2.05 6.14 -5.63
CA VAL B 9 -1.26 5.95 -6.84
C VAL B 9 -2.04 5.19 -7.92
N SER B 10 -2.66 4.08 -7.55
CA SER B 10 -3.40 3.29 -8.52
C SER B 10 -4.53 4.09 -9.18
N GLN B 11 -5.21 4.93 -8.40
CA GLN B 11 -6.30 5.73 -8.95
C GLN B 11 -5.75 6.77 -9.90
N ALA B 12 -4.57 7.30 -9.58
CA ALA B 12 -3.93 8.30 -10.44
C ALA B 12 -3.41 7.67 -11.72
N ASP B 13 -2.78 6.50 -11.61
CA ASP B 13 -2.24 5.82 -12.78
C ASP B 13 -3.34 5.44 -13.77
N ALA B 14 -4.45 4.93 -13.25
CA ALA B 14 -5.52 4.42 -14.11
C ALA B 14 -6.16 5.54 -14.93
N ARG B 15 -5.78 6.77 -14.60
CA ARG B 15 -6.12 8.06 -15.23
C ARG B 15 -4.94 8.71 -16.00
N GLY B 16 -3.74 8.21 -15.82
CA GLY B 16 -2.52 8.70 -16.43
C GLY B 16 -2.13 10.07 -15.91
N GLU B 17 -2.33 10.30 -14.61
CA GLU B 17 -2.01 11.58 -14.01
C GLU B 17 -1.08 11.52 -12.80
N TYR B 18 -0.39 12.63 -12.57
CA TYR B 18 0.51 12.76 -11.42
C TYR B 18 -0.43 13.10 -10.25
N LEU B 19 0.01 12.87 -9.02
CA LEU B 19 -0.79 13.22 -7.86
C LEU B 19 -0.87 14.74 -7.73
N SER B 20 -2.05 15.27 -7.45
CA SER B 20 -2.20 16.73 -7.41
C SER B 20 -1.63 17.26 -6.10
N GLY B 21 -1.40 18.56 -6.04
CA GLY B 21 -0.85 19.17 -4.86
C GLY B 21 -1.66 18.85 -3.62
N SER B 22 -2.99 18.83 -3.76
CA SER B 22 -3.85 18.55 -2.62
C SER B 22 -3.75 17.08 -2.18
N GLN B 23 -3.51 16.18 -3.13
CA GLN B 23 -3.38 14.76 -2.77
C GLN B 23 -2.06 14.55 -2.03
N LEU B 24 -1.01 15.23 -2.47
CA LEU B 24 0.28 15.10 -1.82
C LEU B 24 0.18 15.64 -0.39
N ASP B 25 -0.56 16.74 -0.23
CA ASP B 25 -0.75 17.35 1.09
C ASP B 25 -1.57 16.46 2.01
N ALA B 26 -2.52 15.73 1.43
CA ALA B 26 -3.37 14.83 2.19
C ALA B 26 -2.52 13.67 2.72
N LEU B 27 -1.64 13.14 1.87
CA LEU B 27 -0.78 12.03 2.29
C LEU B 27 0.19 12.52 3.37
N SER B 28 0.69 13.73 3.19
CA SER B 28 1.62 14.32 4.15
C SER B 28 0.97 14.39 5.54
N ALA B 29 -0.31 14.75 5.56
CA ALA B 29 -1.06 14.86 6.81
C ALA B 29 -1.25 13.47 7.43
N THR B 30 -1.34 12.46 6.58
CA THR B 30 -1.48 11.09 7.05
C THR B 30 -0.18 10.70 7.75
N VAL B 31 0.94 11.08 7.16
CA VAL B 31 2.24 10.77 7.75
C VAL B 31 2.36 11.42 9.14
N ALA B 32 1.76 12.59 9.30
CA ALA B 32 1.80 13.31 10.57
C ALA B 32 1.08 12.53 11.68
N GLU B 33 0.07 11.75 11.29
CA GLU B 33 -0.72 10.95 12.23
C GLU B 33 -0.09 9.59 12.47
N GLY B 34 1.04 9.33 11.79
CA GLY B 34 1.72 8.05 11.91
C GLY B 34 1.85 7.39 13.28
N ASN B 35 2.30 8.15 14.28
CA ASN B 35 2.47 7.57 15.60
C ASN B 35 1.18 7.00 16.17
N LYS B 36 0.07 7.71 15.98
CA LYS B 36 -1.22 7.25 16.50
C LYS B 36 -1.61 5.93 15.83
N ARG B 37 -1.35 5.82 14.53
CA ARG B 37 -1.67 4.60 13.79
C ARG B 37 -0.86 3.42 14.34
N ILE B 38 0.45 3.60 14.46
CA ILE B 38 1.31 2.53 14.96
C ILE B 38 0.99 2.15 16.41
N ASP B 39 0.59 3.12 17.23
CA ASP B 39 0.20 2.82 18.62
C ASP B 39 -1.04 1.91 18.63
N SER B 40 -1.99 2.20 17.75
CA SER B 40 -3.21 1.40 17.65
C SER B 40 -2.89 -0.05 17.31
N VAL B 41 -1.99 -0.25 16.35
CA VAL B 41 -1.60 -1.60 15.96
C VAL B 41 -0.89 -2.29 17.11
N ASN B 42 0.00 -1.57 17.79
CA ASN B 42 0.74 -2.14 18.91
C ASN B 42 -0.16 -2.53 20.08
N ARG B 43 -1.11 -1.67 20.39
CA ARG B 43 -2.02 -1.92 21.51
C ARG B 43 -3.00 -3.07 21.26
N ILE B 44 -3.54 -3.18 20.05
CA ILE B 44 -4.47 -4.28 19.76
C ILE B 44 -3.67 -5.58 19.71
N THR B 45 -2.51 -5.54 19.05
CA THR B 45 -1.64 -6.70 18.93
C THR B 45 -1.22 -7.22 20.30
N GLY B 46 -0.75 -6.30 21.15
CA GLY B 46 -0.32 -6.68 22.48
C GLY B 46 -1.43 -7.15 23.40
N ASN B 47 -2.68 -6.93 23.02
CA ASN B 47 -3.82 -7.34 23.86
C ASN B 47 -4.77 -8.30 23.13
N ALA B 48 -4.30 -8.88 22.03
CA ALA B 48 -5.10 -9.79 21.21
C ALA B 48 -5.87 -10.86 21.98
N SER B 49 -5.16 -11.63 22.79
CA SER B 49 -5.76 -12.71 23.57
C SER B 49 -6.92 -12.24 24.44
N ALA B 50 -6.68 -11.17 25.20
CA ALA B 50 -7.68 -10.61 26.08
C ALA B 50 -8.88 -10.12 25.27
N ILE B 51 -8.61 -9.51 24.13
CA ILE B 51 -9.69 -9.01 23.28
C ILE B 51 -10.57 -10.14 22.75
N VAL B 52 -9.95 -11.23 22.30
CA VAL B 52 -10.72 -12.36 21.79
C VAL B 52 -11.50 -13.06 22.90
N SER B 53 -10.85 -13.36 24.03
CA SER B 53 -11.54 -14.04 25.10
C SER B 53 -12.69 -13.21 25.70
N ASN B 54 -12.43 -11.93 25.98
CA ASN B 54 -13.50 -11.10 26.55
C ASN B 54 -14.67 -10.95 25.57
N ALA B 55 -14.36 -10.87 24.28
CA ALA B 55 -15.44 -10.77 23.30
C ALA B 55 -16.17 -12.10 23.23
N ALA B 56 -15.41 -13.20 23.29
CA ALA B 56 -16.03 -14.52 23.23
C ALA B 56 -16.98 -14.71 24.41
N ARG B 57 -16.54 -14.30 25.60
CA ARG B 57 -17.37 -14.40 26.80
C ARG B 57 -18.70 -13.71 26.60
N ALA B 58 -18.62 -12.43 26.22
CA ALA B 58 -19.82 -11.62 26.01
C ALA B 58 -20.73 -12.28 24.98
N LEU B 59 -20.15 -12.71 23.86
CA LEU B 59 -20.95 -13.35 22.81
C LEU B 59 -21.74 -14.55 23.31
N PHE B 60 -21.08 -15.46 24.02
CA PHE B 60 -21.74 -16.66 24.53
C PHE B 60 -22.72 -16.38 25.66
N ALA B 61 -22.54 -15.24 26.32
CA ALA B 61 -23.43 -14.88 27.40
C ALA B 61 -24.76 -14.43 26.81
N GLU B 62 -24.71 -13.72 25.69
CA GLU B 62 -25.92 -13.23 25.03
C GLU B 62 -26.57 -14.27 24.13
N GLN B 63 -25.77 -15.19 23.61
CA GLN B 63 -26.26 -16.24 22.73
C GLN B 63 -25.87 -17.62 23.24
N PRO B 64 -26.43 -18.03 24.39
CA PRO B 64 -26.14 -19.33 25.00
C PRO B 64 -26.48 -20.55 24.13
N GLN B 65 -27.33 -20.36 23.13
CA GLN B 65 -27.70 -21.47 22.26
C GLN B 65 -26.53 -21.92 21.40
N LEU B 66 -25.48 -21.11 21.30
CA LEU B 66 -24.31 -21.48 20.50
C LEU B 66 -23.43 -22.50 21.21
N ILE B 67 -23.41 -22.46 22.55
CA ILE B 67 -22.58 -23.38 23.30
C ILE B 67 -23.25 -24.57 23.96
N GLN B 68 -24.58 -24.65 23.92
CA GLN B 68 -25.24 -25.81 24.52
C GLN B 68 -25.16 -26.95 23.50
N PRO B 69 -25.26 -28.21 23.97
CA PRO B 69 -25.20 -29.38 23.08
C PRO B 69 -25.96 -29.17 21.78
N GLY B 70 -25.29 -29.46 20.66
CA GLY B 70 -25.93 -29.29 19.37
C GLY B 70 -25.60 -27.94 18.75
N GLY B 71 -25.16 -27.01 19.57
CA GLY B 71 -24.82 -25.68 19.07
C GLY B 71 -23.56 -25.69 18.23
N ALA B 73 -21.04 -24.00 18.14
CA ALA B 73 -19.82 -23.84 18.95
C ALA B 73 -19.67 -24.83 20.12
N TYR B 74 -20.51 -25.86 20.16
CA TYR B 74 -20.44 -26.87 21.20
C TYR B 74 -19.29 -27.81 20.82
N THR B 75 -18.63 -28.41 21.81
CA THR B 75 -17.48 -29.32 21.65
C THR B 75 -16.19 -28.49 21.56
N SER B 76 -15.09 -29.07 22.05
CA SER B 76 -13.80 -28.40 22.06
C SER B 76 -13.25 -27.96 20.70
N ARG B 77 -13.33 -28.83 19.70
CA ARG B 77 -12.81 -28.48 18.39
C ARG B 77 -13.54 -27.33 17.72
N ARG B 78 -14.86 -27.27 17.89
CA ARG B 78 -15.62 -26.17 17.27
C ARG B 78 -15.41 -24.87 18.05
N MET B 79 -15.37 -24.97 19.38
CA MET B 79 -15.13 -23.78 20.19
C MET B 79 -13.75 -23.23 19.82
N ALA B 80 -12.76 -24.11 19.73
CA ALA B 80 -11.41 -23.68 19.37
C ALA B 80 -11.38 -23.08 17.96
N ALA B 81 -12.17 -23.65 17.06
CA ALA B 81 -12.24 -23.15 15.69
C ALA B 81 -12.86 -21.76 15.70
N CYS B 82 -13.93 -21.60 16.49
CA CYS B 82 -14.60 -20.32 16.59
C CYS B 82 -13.61 -19.28 17.15
N LEU B 83 -12.89 -19.60 18.20
CA LEU B 83 -11.90 -18.71 18.78
C LEU B 83 -10.81 -18.32 17.84
N ARG B 84 -10.41 -19.26 17.02
CA ARG B 84 -9.45 -19.06 15.99
C ARG B 84 -9.91 -18.09 14.89
N ASP B 85 -11.16 -18.18 14.45
CA ASP B 85 -11.75 -17.25 13.50
C ASP B 85 -11.70 -15.82 14.07
N MET B 86 -12.08 -15.68 15.33
CA MET B 86 -12.08 -14.37 15.98
C MET B 86 -10.68 -13.76 15.86
N GLU B 87 -9.67 -14.56 16.22
CA GLU B 87 -8.28 -14.11 16.15
C GLU B 87 -7.83 -13.80 14.73
N ILE B 88 -8.26 -14.62 13.76
CA ILE B 88 -7.90 -14.40 12.36
C ILE B 88 -8.40 -13.04 11.91
N ILE B 89 -9.68 -12.78 12.15
CA ILE B 89 -10.30 -11.51 11.76
C ILE B 89 -9.58 -10.35 12.44
N LEU B 90 -9.30 -10.48 13.73
CA LEU B 90 -8.61 -9.42 14.47
C LEU B 90 -7.23 -9.19 13.84
N ARG B 91 -6.52 -10.28 13.56
CA ARG B 91 -5.19 -10.17 12.96
C ARG B 91 -5.25 -9.34 11.67
N TYR B 92 -6.19 -9.67 10.80
CA TYR B 92 -6.32 -8.95 9.53
C TYR B 92 -6.79 -7.51 9.72
N VAL B 93 -7.51 -7.23 10.80
CA VAL B 93 -7.92 -5.86 11.04
C VAL B 93 -6.66 -5.07 11.40
N THR B 94 -5.73 -5.68 12.14
CA THR B 94 -4.49 -4.95 12.48
C THR B 94 -3.66 -4.69 11.23
N TYR B 95 -3.68 -5.62 10.27
CA TYR B 95 -2.93 -5.41 9.01
C TYR B 95 -3.48 -4.21 8.26
N ALA B 96 -4.81 -4.10 8.20
CA ALA B 96 -5.46 -2.99 7.51
C ALA B 96 -5.19 -1.66 8.21
N THR B 97 -5.15 -1.68 9.54
CA THR B 97 -4.88 -0.46 10.29
C THR B 97 -3.43 -0.04 10.02
N PHE B 98 -2.55 -1.03 9.99
CA PHE B 98 -1.12 -0.82 9.74
C PHE B 98 -0.84 -0.20 8.38
N THR B 99 -1.52 -0.70 7.34
CA THR B 99 -1.32 -0.20 5.97
C THR B 99 -2.21 1.00 5.63
N GLY B 100 -3.30 1.15 6.38
CA GLY B 100 -4.21 2.25 6.11
C GLY B 100 -5.09 2.00 4.90
N ASP B 101 -5.36 0.72 4.61
CA ASP B 101 -6.23 0.35 3.48
C ASP B 101 -6.92 -0.97 3.80
N ALA B 102 -8.18 -1.10 3.41
CA ALA B 102 -8.94 -2.31 3.67
C ALA B 102 -8.63 -3.48 2.73
N SER B 103 -7.93 -3.22 1.63
CA SER B 103 -7.65 -4.28 0.67
C SER B 103 -7.14 -5.60 1.26
N VAL B 104 -6.11 -5.56 2.09
CA VAL B 104 -5.59 -6.80 2.67
C VAL B 104 -6.68 -7.56 3.45
N LEU B 105 -7.51 -6.83 4.19
CA LEU B 105 -8.60 -7.45 4.96
C LEU B 105 -9.64 -8.08 4.02
N GLU B 106 -9.98 -7.36 2.96
CA GLU B 106 -10.96 -7.84 1.99
C GLU B 106 -10.46 -9.06 1.20
N ASP B 107 -9.32 -8.88 0.54
CA ASP B 107 -8.75 -9.91 -0.30
C ASP B 107 -8.33 -11.21 0.39
N ARG B 108 -7.71 -11.10 1.54
CA ARG B 108 -7.17 -12.27 2.18
C ARG B 108 -8.00 -12.80 3.31
N CYS B 109 -9.11 -12.17 3.64
CA CYS B 109 -9.93 -12.62 4.75
C CYS B 109 -11.43 -12.66 4.51
N LEU B 110 -12.04 -11.52 4.27
CA LEU B 110 -13.48 -11.44 4.02
C LEU B 110 -14.06 -11.96 2.71
N ASN B 111 -13.28 -11.92 1.64
CA ASN B 111 -13.73 -12.38 0.34
C ASN B 111 -14.15 -13.85 0.39
N GLY B 112 -15.43 -14.11 0.14
CA GLY B 112 -15.93 -15.47 0.14
C GLY B 112 -16.18 -16.08 1.50
N LEU B 113 -16.03 -15.27 2.56
CA LEU B 113 -16.24 -15.79 3.89
C LEU B 113 -17.70 -16.13 4.16
N ARG B 114 -18.61 -15.31 3.65
CA ARG B 114 -20.04 -15.54 3.85
C ARG B 114 -20.43 -16.90 3.24
N GLU B 115 -19.99 -17.15 2.01
CA GLU B 115 -20.29 -18.39 1.32
C GLU B 115 -19.70 -19.60 2.05
N THR B 116 -18.51 -19.42 2.62
CA THR B 116 -17.84 -20.49 3.35
C THR B 116 -18.63 -20.85 4.61
N TYR B 117 -19.12 -19.84 5.33
CA TYR B 117 -19.87 -20.11 6.54
C TYR B 117 -21.20 -20.79 6.23
N VAL B 118 -21.88 -20.32 5.18
CA VAL B 118 -23.16 -20.90 4.77
C VAL B 118 -23.01 -22.40 4.48
N ALA B 119 -21.91 -22.78 3.85
CA ALA B 119 -21.69 -24.19 3.51
C ALA B 119 -21.40 -25.02 4.77
N LEU B 120 -20.69 -24.44 5.72
CA LEU B 120 -20.35 -25.15 6.96
C LEU B 120 -21.49 -25.17 7.95
N GLY B 121 -22.40 -24.22 7.82
CA GLY B 121 -23.51 -24.15 8.75
C GLY B 121 -23.17 -23.27 9.94
N VAL B 122 -22.18 -22.38 9.78
CA VAL B 122 -21.81 -21.47 10.86
C VAL B 122 -22.74 -20.27 10.78
N PRO B 123 -23.36 -19.91 11.92
CA PRO B 123 -24.28 -18.76 11.91
C PRO B 123 -23.53 -17.44 11.76
N GLY B 124 -23.47 -16.95 10.52
CA GLY B 124 -22.78 -15.71 10.21
C GLY B 124 -23.20 -14.52 11.05
N ALA B 125 -24.50 -14.36 11.27
CA ALA B 125 -25.01 -13.25 12.07
C ALA B 125 -24.44 -13.27 13.48
N SER B 126 -24.10 -14.47 13.95
CA SER B 126 -23.51 -14.63 15.29
C SER B 126 -22.02 -14.29 15.24
N VAL B 127 -21.40 -14.50 14.09
CA VAL B 127 -19.99 -14.18 13.95
C VAL B 127 -19.91 -12.66 13.95
N ALA B 128 -20.80 -12.03 13.20
CA ALA B 128 -20.85 -10.57 13.13
C ALA B 128 -20.98 -9.98 14.54
N ALA B 129 -21.83 -10.59 15.36
CA ALA B 129 -22.00 -10.10 16.73
C ALA B 129 -20.69 -10.24 17.49
N GLY B 130 -19.95 -11.32 17.19
CA GLY B 130 -18.67 -11.53 17.85
C GLY B 130 -17.68 -10.45 17.46
N VAL B 131 -17.66 -10.12 16.17
CA VAL B 131 -16.78 -9.08 15.65
C VAL B 131 -17.07 -7.74 16.31
N GLN B 132 -18.35 -7.45 16.48
CA GLN B 132 -18.76 -6.21 17.12
C GLN B 132 -18.27 -6.16 18.57
N LYS B 133 -18.26 -7.32 19.22
CA LYS B 133 -17.79 -7.41 20.59
C LYS B 133 -16.29 -7.14 20.66
N MET B 134 -15.56 -7.63 19.67
CA MET B 134 -14.11 -7.42 19.61
C MET B 134 -13.83 -5.94 19.37
N LYS B 135 -14.67 -5.29 18.57
CA LYS B 135 -14.47 -3.87 18.29
C LYS B 135 -14.50 -3.06 19.58
N GLU B 136 -15.53 -3.30 20.39
CA GLU B 136 -15.70 -2.59 21.64
C GLU B 136 -14.50 -2.79 22.56
N ALA B 137 -14.10 -4.05 22.74
CA ALA B 137 -12.96 -4.39 23.58
C ALA B 137 -11.67 -3.76 23.05
N ALA B 138 -11.45 -3.92 21.74
CA ALA B 138 -10.23 -3.38 21.13
C ALA B 138 -10.14 -1.85 21.17
N LEU B 139 -11.24 -1.16 20.87
CA LEU B 139 -11.22 0.31 20.85
C LEU B 139 -11.09 0.96 22.22
N ASP B 140 -11.51 0.28 23.29
CA ASP B 140 -11.35 0.83 24.63
C ASP B 140 -9.86 0.78 24.95
N ILE B 141 -9.21 -0.30 24.54
CA ILE B 141 -7.78 -0.46 24.76
C ILE B 141 -6.99 0.52 23.91
N VAL B 142 -7.42 0.72 22.67
CA VAL B 142 -6.74 1.64 21.77
C VAL B 142 -6.81 3.09 22.30
N ASN B 143 -7.99 3.51 22.73
CA ASN B 143 -8.19 4.88 23.20
C ASN B 143 -8.00 5.10 24.69
N ASP B 144 -7.31 4.18 25.35
CA ASP B 144 -7.05 4.33 26.79
C ASP B 144 -6.01 5.44 26.96
N PRO B 145 -6.36 6.51 27.68
CA PRO B 145 -5.49 7.66 27.93
C PRO B 145 -4.23 7.39 28.78
N ASN B 146 -4.23 6.29 29.52
CA ASN B 146 -3.08 5.96 30.37
C ASN B 146 -1.83 5.44 29.65
N GLY B 147 -0.67 5.87 30.15
CA GLY B 147 0.61 5.43 29.61
C GLY B 147 0.93 5.84 28.19
N ILE B 148 0.29 6.89 27.70
CA ILE B 148 0.54 7.33 26.33
C ILE B 148 0.41 8.84 26.22
N THR B 149 1.24 9.45 25.37
CA THR B 149 1.22 10.89 25.19
C THR B 149 -0.16 11.33 24.71
N ARG B 150 -0.67 12.37 25.36
CA ARG B 150 -1.99 12.93 25.08
C ARG B 150 -2.23 13.48 23.69
N GLY B 151 -3.43 13.26 23.17
CA GLY B 151 -3.79 13.76 21.86
C GLY B 151 -5.16 13.32 21.36
N ASP B 152 -5.55 13.77 20.20
CA ASP B 152 -6.80 13.40 19.62
C ASP B 152 -6.66 12.25 18.64
N CYS B 153 -7.13 11.10 19.04
CA CYS B 153 -7.12 9.92 18.21
C CYS B 153 -8.43 9.55 17.59
N SER B 154 -9.36 10.48 17.51
CA SER B 154 -10.67 10.25 16.93
C SER B 154 -10.67 9.67 15.50
N ALA B 155 -9.88 10.21 14.61
CA ALA B 155 -9.90 9.81 13.22
C ALA B 155 -9.40 8.37 13.07
N ILE B 156 -8.28 8.04 13.69
CA ILE B 156 -7.75 6.67 13.59
C ILE B 156 -8.69 5.69 14.26
N VAL B 157 -9.29 6.08 15.38
CA VAL B 157 -10.23 5.20 16.06
C VAL B 157 -11.44 4.92 15.18
N ALA B 158 -11.87 5.94 14.43
CA ALA B 158 -13.02 5.82 13.55
C ALA B 158 -12.69 4.88 12.40
N GLU B 159 -11.49 5.04 11.85
CA GLU B 159 -11.02 4.21 10.75
C GLU B 159 -10.96 2.75 11.16
N ILE B 160 -10.46 2.48 12.37
CA ILE B 160 -10.36 1.10 12.83
C ILE B 160 -11.77 0.53 13.01
N ALA B 161 -12.67 1.33 13.56
CA ALA B 161 -14.04 0.89 13.75
C ALA B 161 -14.61 0.50 12.38
N GLY B 162 -14.22 1.25 11.35
CA GLY B 162 -14.67 0.97 10.00
C GLY B 162 -14.24 -0.42 9.52
N TYR B 163 -13.00 -0.83 9.84
CA TYR B 163 -12.54 -2.16 9.42
C TYR B 163 -13.31 -3.25 10.14
N PHE B 164 -13.58 -3.05 11.43
CA PHE B 164 -14.36 -4.02 12.19
C PHE B 164 -15.77 -4.11 11.59
N ASP B 165 -16.40 -2.96 11.35
CA ASP B 165 -17.75 -2.93 10.80
C ASP B 165 -17.84 -3.59 9.42
N ARG B 166 -16.77 -3.47 8.65
CA ARG B 166 -16.73 -4.07 7.32
C ARG B 166 -16.68 -5.59 7.48
N ALA B 167 -15.93 -6.04 8.48
CA ALA B 167 -15.81 -7.46 8.76
C ALA B 167 -17.16 -8.04 9.18
N ALA B 168 -17.86 -7.34 10.07
CA ALA B 168 -19.17 -7.80 10.55
C ALA B 168 -20.18 -7.89 9.43
N ALA B 169 -20.19 -6.88 8.57
CA ALA B 169 -21.14 -6.85 7.45
C ALA B 169 -20.85 -7.92 6.41
N ALA B 170 -19.58 -8.30 6.28
CA ALA B 170 -19.19 -9.31 5.29
C ALA B 170 -19.76 -10.71 5.55
N VAL B 171 -20.23 -10.95 6.77
CA VAL B 171 -20.75 -12.25 7.11
C VAL B 171 -22.17 -12.22 7.70
N ALA B 172 -22.66 -11.02 8.02
CA ALA B 172 -23.99 -10.86 8.59
C ALA B 172 -25.08 -10.87 7.51
#